data_5EUT
#
_entry.id   5EUT
#
_cell.length_a   80.006
_cell.length_b   101.515
_cell.length_c   78.135
_cell.angle_alpha   90.00
_cell.angle_beta   90.00
_cell.angle_gamma   90.00
#
_symmetry.space_group_name_H-M   'P 21 21 2'
#
_entity_poly.entity_id   1
_entity_poly.type   'polypeptide(L)'
_entity_poly.pdbx_seq_one_letter_code
;GAMGTVAAQAQALAAQAAAAAHAAQAHRERNEFPEDPEFEAVVRQAELAIERCIFPERIYQGSSGSYFVKDPQGRIIAVF
KPKNEEPYGHLNPKWTKWLQKGTGNIFEMLRIDEGLRLKIYKDTEGYYTIGIGHLLTKSPSLNAAKSELDKAIGRNTNGV
ITKDEAEKLFNQDVDAAVRGILRNAKLKPVYDSLDAVRRAALINMVFQMGETGVAGFTNSLRMLQQKRWDEAAVNLAKSR
WYNQTPNRAKRVITTFRTGTWDAYKNLGRDCLVLNQGYLSEAGASLVDQKLELNIVPRTKVVYLASETFNYSAIDRVKSR
GKRLALEKVPKVGQRFNRIGLPPKVGSFQLFVEGYKDADYWLRRFEAEPLPENTNRQLLLQFERLVVLDYIIRNTDRGND
NWLIKYDCPMDSSSSRDTDWVVVKEPVIKVAAIDNGLAFPLKHPDSWRAYPFYWAWLPQAKVPFSQEIKDLILPKISDPN
FVKDLEEDLYELFKKDPGFDRGQFHKQIAVMRGQILNLTQALKDNKSPLHLVQMPPVIVETARSHQRSSSESYTQS
;
_entity_poly.pdbx_strand_id   A
#
# COMPACT_ATOMS: atom_id res chain seq x y z
N ARG A 30 25.92 -2.58 -3.54
CA ARG A 30 26.29 -2.41 -4.94
C ARG A 30 25.52 -1.27 -5.59
N ASN A 31 25.86 -0.04 -5.23
CA ASN A 31 25.18 1.13 -5.75
C ASN A 31 26.02 1.89 -6.78
N GLU A 32 25.67 1.74 -8.06
CA GLU A 32 26.35 2.51 -9.11
C GLU A 32 25.39 2.94 -10.21
N PHE A 33 25.55 4.17 -10.68
CA PHE A 33 24.68 4.72 -11.70
C PHE A 33 25.49 5.51 -12.73
N PRO A 34 26.05 4.81 -13.72
CA PRO A 34 26.90 5.47 -14.71
C PRO A 34 26.11 6.41 -15.63
N GLU A 35 24.85 6.07 -15.86
CA GLU A 35 23.91 6.94 -16.58
C GLU A 35 23.69 8.30 -15.91
N ASP A 36 23.87 8.35 -14.60
CA ASP A 36 23.61 9.57 -13.83
C ASP A 36 24.70 9.83 -12.78
N PRO A 37 25.91 10.19 -13.23
CA PRO A 37 27.04 10.48 -12.34
C PRO A 37 26.76 11.55 -11.28
N GLU A 38 25.79 12.43 -11.53
CA GLU A 38 25.40 13.39 -10.49
C GLU A 38 24.67 12.68 -9.35
N PHE A 39 23.83 11.71 -9.71
CA PHE A 39 23.05 10.97 -8.73
C PHE A 39 23.98 10.12 -7.88
N GLU A 40 24.96 9.51 -8.55
CA GLU A 40 25.89 8.60 -7.91
C GLU A 40 26.74 9.36 -6.89
N ALA A 41 27.17 10.55 -7.28
CA ALA A 41 27.97 11.40 -6.42
C ALA A 41 27.23 11.73 -5.12
N VAL A 42 25.93 11.94 -5.22
CA VAL A 42 25.12 12.25 -4.05
C VAL A 42 25.05 11.02 -3.16
N VAL A 43 24.93 9.85 -3.77
CA VAL A 43 24.83 8.60 -3.02
C VAL A 43 26.13 8.35 -2.25
N ARG A 44 27.26 8.68 -2.88
CA ARG A 44 28.57 8.51 -2.26
C ARG A 44 28.76 9.43 -1.07
N GLN A 45 28.20 10.63 -1.16
CA GLN A 45 28.16 11.52 -0.02
C GLN A 45 27.30 10.95 1.10
N ALA A 46 26.19 10.31 0.73
CA ALA A 46 25.29 9.70 1.69
C ALA A 46 26.00 8.62 2.51
N GLU A 47 26.57 7.64 1.80
CA GLU A 47 27.31 6.55 2.43
C GLU A 47 28.44 7.07 3.33
N LEU A 48 29.31 7.87 2.73
CA LEU A 48 30.45 8.46 3.44
C LEU A 48 30.01 9.16 4.73
N ALA A 49 28.91 9.90 4.66
CA ALA A 49 28.37 10.61 5.83
C ALA A 49 27.96 9.63 6.93
N ILE A 50 27.56 8.43 6.51
CA ILE A 50 27.13 7.40 7.45
C ILE A 50 28.37 6.85 8.14
N GLU A 51 29.41 6.60 7.35
CA GLU A 51 30.69 6.12 7.85
C GLU A 51 31.22 7.02 8.96
N ARG A 52 30.98 8.33 8.82
CA ARG A 52 31.48 9.32 9.76
C ARG A 52 30.51 9.48 10.92
N CYS A 53 29.52 8.60 10.94
CA CYS A 53 28.48 8.56 11.97
C CYS A 53 27.57 9.79 11.95
N ILE A 54 27.29 10.33 10.77
CA ILE A 54 26.21 11.29 10.67
C ILE A 54 25.06 10.57 9.95
N PHE A 55 24.08 10.15 10.75
CA PHE A 55 23.09 9.22 10.27
C PHE A 55 21.83 9.91 9.76
N PRO A 56 21.20 9.34 8.72
CA PRO A 56 19.88 9.83 8.29
C PRO A 56 18.86 9.79 9.42
N GLU A 57 18.12 10.86 9.68
CA GLU A 57 17.18 10.82 10.79
C GLU A 57 15.74 10.61 10.31
N ARG A 58 14.99 9.78 11.04
CA ARG A 58 13.64 9.45 10.61
C ARG A 58 12.65 10.59 10.84
N ILE A 59 11.97 11.03 9.78
CA ILE A 59 10.93 12.05 9.89
C ILE A 59 9.76 11.52 10.73
N TYR A 60 9.37 12.21 11.80
CA TYR A 60 8.07 11.90 12.41
C TYR A 60 6.85 12.42 11.62
N GLN A 61 7.05 13.38 10.73
CA GLN A 61 5.93 14.01 10.01
C GLN A 61 5.48 13.08 8.84
N GLY A 62 6.18 11.94 8.70
CA GLY A 62 5.65 10.82 7.93
C GLY A 62 4.84 9.92 8.83
N SER A 63 4.22 8.88 8.30
CA SER A 63 3.77 7.77 9.13
C SER A 63 4.36 6.43 8.70
N SER A 64 5.55 6.47 8.13
CA SER A 64 6.27 5.24 7.80
C SER A 64 7.78 5.37 7.99
N GLY A 65 8.52 4.66 7.16
CA GLY A 65 9.96 4.56 7.30
C GLY A 65 10.56 5.50 6.29
N SER A 66 10.35 6.79 6.51
CA SER A 66 10.99 7.86 5.75
C SER A 66 12.12 8.51 6.53
N TYR A 67 13.26 8.67 5.89
CA TYR A 67 14.42 9.25 6.57
C TYR A 67 14.98 10.40 5.76
N PHE A 68 15.58 11.37 6.44
CA PHE A 68 16.34 12.42 5.79
C PHE A 68 17.80 12.07 5.72
N VAL A 69 18.27 11.76 4.52
CA VAL A 69 19.68 11.49 4.29
C VAL A 69 20.47 12.79 4.36
N LYS A 70 21.60 12.76 5.03
CA LYS A 70 22.44 13.95 5.16
C LYS A 70 23.84 13.70 4.65
N ASP A 71 24.52 14.77 4.28
CA ASP A 71 25.93 14.69 3.90
C ASP A 71 26.84 15.00 5.09
N PRO A 72 28.18 14.84 4.95
CA PRO A 72 29.08 15.02 6.09
C PRO A 72 28.96 16.38 6.79
N GLN A 73 28.42 17.37 6.10
CA GLN A 73 28.21 18.69 6.68
C GLN A 73 26.86 18.85 7.34
N GLY A 74 26.10 17.76 7.43
CA GLY A 74 24.82 17.78 8.11
C GLY A 74 23.64 18.30 7.31
N ARG A 75 23.89 18.76 6.08
CA ARG A 75 22.79 19.25 5.26
C ARG A 75 21.99 18.08 4.71
N ILE A 76 20.72 18.34 4.39
CA ILE A 76 19.82 17.29 3.94
C ILE A 76 19.88 17.20 2.42
N ILE A 77 20.47 16.12 1.91
CA ILE A 77 20.56 15.93 0.47
C ILE A 77 19.49 15.01 -0.12
N ALA A 78 18.80 14.24 0.72
CA ALA A 78 17.90 13.22 0.20
C ALA A 78 16.86 12.71 1.18
N VAL A 79 15.80 12.13 0.63
CA VAL A 79 14.77 11.43 1.40
C VAL A 79 14.82 9.94 1.09
N PHE A 80 14.90 9.11 2.13
CA PHE A 80 15.05 7.67 1.92
C PHE A 80 13.94 6.86 2.57
N LYS A 81 13.37 5.94 1.79
CA LYS A 81 12.24 5.14 2.21
C LYS A 81 12.53 3.66 1.96
N PRO A 82 13.06 2.96 2.97
CA PRO A 82 13.30 1.52 2.85
C PRO A 82 12.03 0.73 2.56
N LYS A 83 12.15 -0.25 1.67
CA LYS A 83 11.06 -1.16 1.35
C LYS A 83 10.43 -1.80 2.58
N ASN A 84 11.26 -2.44 3.41
CA ASN A 84 10.74 -3.17 4.57
C ASN A 84 10.18 -2.32 5.71
N GLU A 85 10.40 -1.02 5.67
CA GLU A 85 9.75 -0.10 6.62
C GLU A 85 8.49 0.57 6.05
N GLU A 86 8.06 0.15 4.87
CA GLU A 86 6.83 0.63 4.24
C GLU A 86 5.62 0.36 5.13
N PRO A 87 4.53 1.13 4.96
CA PRO A 87 3.34 0.92 5.80
C PRO A 87 2.87 -0.54 5.85
N TYR A 88 2.93 -1.24 4.72
CA TYR A 88 2.68 -2.69 4.70
C TYR A 88 3.95 -3.47 5.02
N GLY A 89 5.02 -2.73 5.27
CA GLY A 89 6.35 -3.25 5.49
C GLY A 89 6.51 -4.04 6.78
N HIS A 90 7.33 -5.09 6.72
CA HIS A 90 7.57 -5.98 7.84
C HIS A 90 8.23 -5.25 9.01
N LEU A 91 9.18 -4.37 8.70
CA LEU A 91 9.94 -3.68 9.74
C LEU A 91 9.47 -2.26 10.09
N ASN A 92 8.25 -1.89 9.70
CA ASN A 92 7.71 -0.58 10.06
C ASN A 92 7.65 -0.52 11.59
N PRO A 93 8.21 0.57 12.18
CA PRO A 93 8.21 0.64 13.64
C PRO A 93 6.86 0.61 14.33
N LYS A 94 5.87 1.30 13.77
CA LYS A 94 4.55 1.38 14.41
C LYS A 94 3.85 0.03 14.51
N TRP A 95 3.98 -0.79 13.47
CA TRP A 95 3.31 -2.09 13.43
C TRP A 95 4.17 -3.23 13.95
N THR A 96 5.37 -2.92 14.42
CA THR A 96 6.24 -3.93 15.04
C THR A 96 5.62 -4.39 16.35
N LYS A 97 5.03 -3.45 17.09
CA LYS A 97 4.38 -3.73 18.36
C LYS A 97 3.31 -4.81 18.16
N TRP A 98 2.61 -4.72 17.03
CA TRP A 98 1.57 -5.69 16.68
C TRP A 98 2.22 -7.06 16.56
N LEU A 99 3.42 -7.10 15.99
CA LEU A 99 4.07 -8.36 15.67
C LEU A 99 4.64 -8.98 16.93
N GLN A 100 4.80 -8.16 17.96
CA GLN A 100 5.28 -8.63 19.26
C GLN A 100 4.25 -9.55 19.88
N LYS A 101 2.98 -9.17 19.74
CA LYS A 101 1.87 -9.80 20.43
C LYS A 101 1.86 -11.30 20.19
N GLY A 102 2.24 -11.68 18.97
CA GLY A 102 2.22 -13.04 18.52
C GLY A 102 0.78 -13.50 18.34
N THR A 103 0.45 -14.62 18.96
CA THR A 103 -0.90 -15.17 18.84
C THR A 103 -1.91 -14.20 19.44
N GLY A 104 -1.49 -13.48 20.48
CA GLY A 104 -2.35 -12.52 21.17
C GLY A 104 -3.08 -11.49 20.33
N ASN A 105 -2.80 -11.50 19.02
CA ASN A 105 -3.50 -10.66 18.05
C ASN A 105 -4.83 -11.30 17.64
N ILE A 106 -5.07 -12.49 18.19
CA ILE A 106 -6.28 -13.26 17.92
C ILE A 106 -7.51 -12.44 18.26
N PHE A 107 -7.42 -11.63 19.32
CA PHE A 107 -8.55 -10.79 19.72
C PHE A 107 -8.86 -9.81 18.58
N GLU A 108 -7.89 -8.98 18.23
CA GLU A 108 -8.06 -8.03 17.13
C GLU A 108 -8.39 -8.74 15.80
N MET A 109 -7.75 -9.88 15.56
CA MET A 109 -7.92 -10.63 14.33
C MET A 109 -9.39 -11.00 14.12
N LEU A 110 -10.00 -11.51 15.18
CA LEU A 110 -11.39 -11.95 15.15
C LEU A 110 -12.37 -10.77 15.21
N ARG A 111 -11.95 -9.69 15.86
CA ARG A 111 -12.75 -8.46 15.92
C ARG A 111 -12.99 -7.92 14.52
N ILE A 112 -11.99 -8.02 13.67
CA ILE A 112 -12.08 -7.56 12.30
C ILE A 112 -13.01 -8.47 11.49
N ASP A 113 -12.81 -9.78 11.62
CA ASP A 113 -13.67 -10.74 10.92
C ASP A 113 -15.11 -10.79 11.42
N GLU A 114 -15.33 -10.77 12.73
CA GLU A 114 -16.68 -10.91 13.27
C GLU A 114 -17.42 -9.58 13.47
N GLY A 115 -16.69 -8.48 13.47
CA GLY A 115 -17.26 -7.18 13.79
C GLY A 115 -17.86 -7.11 15.18
N LEU A 116 -18.66 -6.07 15.42
CA LEU A 116 -19.37 -5.94 16.69
C LEU A 116 -20.83 -5.55 16.45
N ARG A 117 -21.75 -6.33 17.02
CA ARG A 117 -23.16 -5.98 17.03
C ARG A 117 -23.74 -6.13 18.44
N LEU A 118 -24.56 -5.18 18.87
CA LEU A 118 -25.09 -5.22 20.22
C LEU A 118 -26.50 -5.81 20.31
N LYS A 119 -27.04 -6.24 19.17
CA LYS A 119 -28.38 -6.83 19.17
C LYS A 119 -28.37 -8.08 18.28
N ILE A 120 -29.24 -9.03 18.60
CA ILE A 120 -29.30 -10.31 17.90
C ILE A 120 -29.47 -10.16 16.39
N TYR A 121 -28.63 -10.85 15.63
CA TYR A 121 -28.76 -10.91 14.18
C TYR A 121 -28.56 -12.34 13.70
N LYS A 122 -28.83 -12.59 12.42
CA LYS A 122 -28.53 -13.89 11.82
C LYS A 122 -27.19 -13.88 11.11
N ASP A 123 -26.42 -14.95 11.32
CA ASP A 123 -25.14 -15.11 10.63
C ASP A 123 -25.33 -15.53 9.17
N THR A 124 -24.23 -15.82 8.50
CA THR A 124 -24.24 -16.20 7.08
C THR A 124 -25.11 -17.43 6.82
N GLU A 125 -25.11 -18.38 7.75
CA GLU A 125 -25.86 -19.61 7.59
C GLU A 125 -27.31 -19.43 8.00
N GLY A 126 -27.60 -18.30 8.62
CA GLY A 126 -28.95 -17.96 9.05
C GLY A 126 -29.17 -18.19 10.54
N TYR A 127 -28.09 -18.42 11.26
CA TYR A 127 -28.19 -18.75 12.68
C TYR A 127 -28.06 -17.51 13.55
N TYR A 128 -28.80 -17.48 14.65
CA TYR A 128 -28.87 -16.32 15.51
C TYR A 128 -27.54 -16.06 16.23
N THR A 129 -27.02 -14.85 16.11
CA THR A 129 -25.70 -14.53 16.62
C THR A 129 -25.79 -13.20 17.36
N ILE A 130 -24.79 -12.90 18.20
CA ILE A 130 -24.76 -11.63 18.89
C ILE A 130 -23.33 -11.27 19.32
N GLY A 131 -23.10 -10.01 19.65
CA GLY A 131 -21.77 -9.53 20.03
C GLY A 131 -20.72 -9.78 18.98
N ILE A 132 -19.63 -10.43 19.37
CA ILE A 132 -18.57 -10.74 18.41
C ILE A 132 -18.58 -12.22 18.06
N GLY A 133 -19.12 -12.55 16.90
CA GLY A 133 -19.20 -13.92 16.42
C GLY A 133 -19.73 -14.97 17.39
N HIS A 134 -20.51 -14.57 18.38
CA HIS A 134 -20.97 -15.53 19.39
C HIS A 134 -22.26 -16.19 18.94
N LEU A 135 -22.21 -17.48 18.65
CA LEU A 135 -23.39 -18.23 18.25
C LEU A 135 -24.24 -18.60 19.46
N LEU A 136 -25.50 -18.18 19.46
CA LEU A 136 -26.40 -18.49 20.56
C LEU A 136 -27.05 -19.87 20.41
N THR A 137 -27.62 -20.14 19.23
CA THR A 137 -28.26 -21.41 18.94
C THR A 137 -28.40 -21.63 17.44
N LYS A 138 -28.60 -22.88 17.04
CA LYS A 138 -28.92 -23.19 15.65
C LYS A 138 -30.44 -23.26 15.43
N SER A 139 -31.20 -23.05 16.50
CA SER A 139 -32.66 -23.00 16.43
C SER A 139 -33.18 -21.77 15.66
N PRO A 140 -34.29 -21.95 14.90
CA PRO A 140 -34.99 -20.92 14.14
C PRO A 140 -35.73 -19.92 15.04
N SER A 141 -35.98 -20.32 16.29
CA SER A 141 -36.67 -19.50 17.27
C SER A 141 -35.74 -18.41 17.80
N LEU A 142 -36.18 -17.16 17.67
CA LEU A 142 -35.43 -15.99 18.18
C LEU A 142 -35.35 -15.91 19.70
N ASN A 143 -36.31 -16.53 20.39
CA ASN A 143 -36.32 -16.56 21.85
C ASN A 143 -35.49 -17.69 22.42
N ALA A 144 -35.23 -18.72 21.62
CA ALA A 144 -34.23 -19.72 21.98
C ALA A 144 -32.92 -18.96 22.18
N ALA A 145 -32.54 -18.21 21.14
CA ALA A 145 -31.33 -17.41 21.17
C ALA A 145 -31.41 -16.44 22.35
N LYS A 146 -32.60 -15.88 22.56
CA LYS A 146 -32.78 -14.84 23.56
C LYS A 146 -32.71 -15.43 24.98
N SER A 147 -33.31 -16.60 25.18
CA SER A 147 -33.21 -17.30 26.46
C SER A 147 -31.74 -17.60 26.74
N GLU A 148 -31.13 -18.29 25.79
CA GLU A 148 -29.72 -18.69 25.85
C GLU A 148 -28.81 -17.50 26.13
N LEU A 149 -29.23 -16.33 25.66
CA LEU A 149 -28.51 -15.08 25.88
C LEU A 149 -28.59 -14.60 27.33
N ASP A 150 -29.76 -14.69 27.96
CA ASP A 150 -29.88 -14.31 29.37
C ASP A 150 -29.03 -15.18 30.27
N LYS A 151 -28.99 -16.48 29.98
CA LYS A 151 -28.14 -17.41 30.71
C LYS A 151 -26.70 -16.89 30.77
N ALA A 152 -26.17 -16.60 29.58
CA ALA A 152 -24.80 -16.10 29.43
C ALA A 152 -24.53 -14.80 30.20
N ILE A 153 -25.38 -13.80 29.99
CA ILE A 153 -25.11 -12.47 30.54
C ILE A 153 -25.48 -12.36 32.03
N GLY A 154 -26.48 -13.12 32.46
CA GLY A 154 -26.90 -13.08 33.85
C GLY A 154 -28.07 -12.18 34.18
N ARG A 155 -28.80 -11.72 33.18
CA ARG A 155 -29.94 -10.82 33.41
C ARG A 155 -30.91 -10.94 32.24
N ASN A 156 -31.98 -10.15 32.25
CA ASN A 156 -32.86 -10.11 31.10
C ASN A 156 -32.45 -9.03 30.11
N THR A 157 -31.87 -9.47 29.01
CA THR A 157 -31.20 -8.61 28.05
C THR A 157 -32.16 -7.93 27.07
N ASN A 158 -33.27 -8.61 26.79
CA ASN A 158 -34.23 -8.17 25.77
C ASN A 158 -33.53 -8.06 24.41
N GLY A 159 -32.63 -9.01 24.14
CA GLY A 159 -31.94 -9.10 22.86
C GLY A 159 -30.89 -8.03 22.63
N VAL A 160 -30.70 -7.15 23.60
CA VAL A 160 -29.71 -6.09 23.49
C VAL A 160 -28.68 -6.14 24.63
N ILE A 161 -27.40 -6.19 24.27
CA ILE A 161 -26.33 -6.21 25.25
C ILE A 161 -25.45 -4.97 25.08
N THR A 162 -24.48 -4.79 25.99
CA THR A 162 -23.56 -3.68 25.88
C THR A 162 -22.26 -4.09 25.19
N LYS A 163 -21.37 -3.13 24.97
CA LYS A 163 -20.04 -3.39 24.45
C LYS A 163 -19.21 -4.29 25.36
N ASP A 164 -19.25 -4.01 26.66
CA ASP A 164 -18.46 -4.75 27.63
C ASP A 164 -18.94 -6.19 27.79
N GLU A 165 -20.26 -6.37 27.78
CA GLU A 165 -20.84 -7.71 27.90
C GLU A 165 -20.40 -8.57 26.72
N ALA A 166 -20.34 -7.96 25.55
CA ALA A 166 -19.96 -8.65 24.33
C ALA A 166 -18.47 -8.99 24.39
N GLU A 167 -17.69 -8.06 24.91
CA GLU A 167 -16.27 -8.30 25.18
C GLU A 167 -16.04 -9.45 26.15
N LYS A 168 -16.88 -9.53 27.18
CA LYS A 168 -16.77 -10.63 28.14
C LYS A 168 -17.08 -11.98 27.51
N LEU A 169 -18.08 -12.00 26.64
CA LEU A 169 -18.41 -13.20 25.87
C LEU A 169 -17.24 -13.57 24.95
N PHE A 170 -16.62 -12.53 24.39
CA PHE A 170 -15.55 -12.69 23.41
C PHE A 170 -14.35 -13.48 23.94
N ASN A 171 -13.81 -13.04 25.08
CA ASN A 171 -12.73 -13.76 25.74
C ASN A 171 -13.06 -15.23 25.98
N GLN A 172 -14.21 -15.51 26.56
CA GLN A 172 -14.59 -16.88 26.90
C GLN A 172 -14.61 -17.76 25.64
N ASP A 173 -15.11 -17.19 24.55
CA ASP A 173 -15.21 -17.91 23.28
C ASP A 173 -13.82 -18.16 22.67
N VAL A 174 -12.90 -17.23 22.89
CA VAL A 174 -11.50 -17.42 22.53
C VAL A 174 -10.85 -18.51 23.38
N ASP A 175 -11.05 -18.41 24.69
CA ASP A 175 -10.63 -19.46 25.61
C ASP A 175 -11.16 -20.83 25.20
N ALA A 176 -12.45 -20.89 24.88
CA ALA A 176 -13.10 -22.13 24.49
C ALA A 176 -12.44 -22.74 23.26
N ALA A 177 -12.08 -21.88 22.31
CA ALA A 177 -11.36 -22.32 21.11
C ALA A 177 -9.99 -22.89 21.44
N VAL A 178 -9.18 -22.10 22.14
CA VAL A 178 -7.88 -22.53 22.61
C VAL A 178 -7.96 -23.87 23.36
N ARG A 179 -8.96 -23.99 24.23
CA ARG A 179 -9.23 -25.23 24.93
C ARG A 179 -9.55 -26.35 23.95
N GLY A 180 -10.47 -26.07 23.03
CA GLY A 180 -10.90 -27.03 22.02
C GLY A 180 -9.77 -27.65 21.22
N ILE A 181 -8.73 -26.88 20.96
CA ILE A 181 -7.59 -27.32 20.17
C ILE A 181 -6.67 -28.26 20.96
N LEU A 182 -6.36 -27.86 22.19
CA LEU A 182 -5.44 -28.59 23.04
C LEU A 182 -6.06 -29.86 23.63
N ARG A 183 -7.39 -29.87 23.73
CA ARG A 183 -8.12 -31.04 24.21
C ARG A 183 -8.34 -32.09 23.11
N ASN A 184 -7.90 -31.78 21.90
CA ASN A 184 -8.20 -32.63 20.76
C ASN A 184 -6.92 -33.28 20.24
N ALA A 185 -7.00 -34.58 19.95
CA ALA A 185 -5.83 -35.38 19.63
C ALA A 185 -5.36 -35.10 18.20
N LYS A 186 -6.31 -34.94 17.30
CA LYS A 186 -6.03 -34.61 15.90
C LYS A 186 -5.53 -33.17 15.72
N LEU A 187 -6.10 -32.24 16.49
CA LEU A 187 -5.78 -30.82 16.36
C LEU A 187 -4.46 -30.42 17.02
N LYS A 188 -4.26 -30.85 18.26
CA LYS A 188 -3.14 -30.38 19.07
C LYS A 188 -1.73 -30.47 18.45
N PRO A 189 -1.33 -31.64 17.88
CA PRO A 189 0.02 -31.78 17.33
C PRO A 189 0.36 -30.69 16.32
N VAL A 190 -0.55 -30.45 15.37
CA VAL A 190 -0.37 -29.43 14.35
C VAL A 190 -0.10 -28.09 15.03
N TYR A 191 -0.98 -27.74 15.97
CA TYR A 191 -0.92 -26.44 16.65
C TYR A 191 0.46 -26.17 17.26
N ASP A 192 1.04 -27.20 17.88
CA ASP A 192 2.33 -27.04 18.55
C ASP A 192 3.46 -26.79 17.56
N SER A 193 3.31 -27.31 16.35
CA SER A 193 4.34 -27.14 15.33
C SER A 193 4.24 -25.81 14.58
N LEU A 194 3.17 -25.07 14.79
CA LEU A 194 2.98 -23.81 14.09
C LEU A 194 3.65 -22.65 14.82
N ASP A 195 4.13 -21.68 14.05
CA ASP A 195 4.64 -20.43 14.60
C ASP A 195 3.48 -19.64 15.21
N ALA A 196 3.81 -18.66 16.05
CA ALA A 196 2.82 -17.87 16.78
C ALA A 196 1.70 -17.31 15.88
N VAL A 197 2.02 -16.98 14.64
CA VAL A 197 1.06 -16.34 13.75
C VAL A 197 0.07 -17.35 13.16
N ARG A 198 0.57 -18.45 12.64
CA ARG A 198 -0.28 -19.52 12.14
C ARG A 198 -1.21 -20.08 13.21
N ARG A 199 -0.68 -20.29 14.41
CA ARG A 199 -1.48 -20.75 15.54
C ARG A 199 -2.76 -19.92 15.67
N ALA A 200 -2.60 -18.59 15.57
CA ALA A 200 -3.71 -17.66 15.61
C ALA A 200 -4.73 -17.93 14.52
N ALA A 201 -4.25 -18.41 13.37
CA ALA A 201 -5.12 -18.69 12.23
C ALA A 201 -5.97 -19.92 12.52
N LEU A 202 -5.37 -20.89 13.20
CA LEU A 202 -6.05 -22.15 13.48
C LEU A 202 -7.13 -21.92 14.52
N ILE A 203 -6.81 -21.10 15.51
CA ILE A 203 -7.79 -20.65 16.50
C ILE A 203 -8.98 -19.97 15.82
N ASN A 204 -8.68 -19.08 14.87
CA ASN A 204 -9.69 -18.40 14.08
C ASN A 204 -10.73 -19.39 13.54
N MET A 205 -10.25 -20.51 13.03
CA MET A 205 -11.11 -21.52 12.41
C MET A 205 -11.98 -22.19 13.48
N VAL A 206 -11.34 -22.56 14.59
CA VAL A 206 -12.01 -23.30 15.66
C VAL A 206 -12.98 -22.35 16.38
N PHE A 207 -12.82 -21.05 16.13
CA PHE A 207 -13.75 -20.05 16.64
C PHE A 207 -15.03 -20.07 15.81
N GLN A 208 -14.87 -20.13 14.49
CA GLN A 208 -16.01 -20.16 13.58
C GLN A 208 -16.70 -21.52 13.48
N MET A 209 -15.93 -22.59 13.26
CA MET A 209 -16.51 -23.92 13.08
C MET A 209 -16.53 -24.80 14.34
N GLY A 210 -15.83 -24.39 15.38
CA GLY A 210 -15.74 -25.18 16.58
C GLY A 210 -14.78 -26.36 16.45
N GLU A 211 -14.40 -26.93 17.59
CA GLU A 211 -13.44 -28.04 17.66
C GLU A 211 -13.73 -29.15 16.65
N THR A 212 -14.82 -29.87 16.85
CA THR A 212 -15.18 -31.03 16.03
C THR A 212 -15.19 -30.79 14.53
N GLY A 213 -15.63 -29.60 14.12
CA GLY A 213 -15.74 -29.27 12.71
C GLY A 213 -14.41 -29.19 11.99
N VAL A 214 -13.43 -28.56 12.63
CA VAL A 214 -12.12 -28.36 12.04
C VAL A 214 -11.35 -29.69 11.93
N ALA A 215 -11.75 -30.66 12.73
CA ALA A 215 -11.06 -31.96 12.76
C ALA A 215 -11.49 -32.86 11.60
N GLY A 216 -12.39 -32.38 10.76
CA GLY A 216 -12.81 -33.13 9.59
C GLY A 216 -11.99 -32.70 8.37
N PHE A 217 -11.01 -31.85 8.63
CA PHE A 217 -10.11 -31.32 7.61
C PHE A 217 -8.85 -32.15 7.50
N THR A 218 -8.89 -33.35 8.06
CA THR A 218 -7.72 -34.15 8.47
C THR A 218 -6.55 -34.15 7.49
N ASN A 219 -6.86 -34.16 6.19
CA ASN A 219 -5.86 -33.97 5.15
C ASN A 219 -4.95 -32.78 5.42
N SER A 220 -5.51 -31.58 5.34
CA SER A 220 -4.77 -30.34 5.52
C SER A 220 -3.98 -30.20 6.82
N LEU A 221 -4.49 -30.76 7.92
CA LEU A 221 -3.75 -30.74 9.18
C LEU A 221 -2.42 -31.51 9.14
N ARG A 222 -2.38 -32.62 8.43
CA ARG A 222 -1.14 -33.36 8.23
C ARG A 222 -0.14 -32.46 7.52
N MET A 223 -0.59 -31.92 6.40
CA MET A 223 0.19 -31.04 5.54
C MET A 223 0.69 -29.81 6.30
N LEU A 224 -0.24 -29.05 6.89
CA LEU A 224 0.10 -27.88 7.72
C LEU A 224 1.23 -28.19 8.71
N GLN A 225 1.18 -29.40 9.26
CA GLN A 225 2.13 -29.90 10.26
C GLN A 225 3.50 -30.12 9.64
N GLN A 226 3.51 -30.53 8.38
CA GLN A 226 4.75 -30.78 7.64
C GLN A 226 5.35 -29.51 7.07
N LYS A 227 4.68 -28.38 7.32
CA LYS A 227 5.12 -27.03 6.91
C LYS A 227 4.88 -26.64 5.46
N ARG A 228 4.29 -27.53 4.66
CA ARG A 228 4.05 -27.16 3.27
C ARG A 228 2.86 -26.19 3.18
N TRP A 229 3.14 -24.94 2.85
CA TRP A 229 2.09 -23.92 2.81
C TRP A 229 1.26 -23.91 1.53
N ASP A 230 1.93 -23.98 0.38
CA ASP A 230 1.23 -23.92 -0.90
C ASP A 230 0.45 -25.20 -1.15
N GLU A 231 0.79 -26.22 -0.38
CA GLU A 231 0.07 -27.48 -0.37
C GLU A 231 -1.31 -27.30 0.21
N ALA A 232 -1.39 -26.83 1.45
CA ALA A 232 -2.64 -26.82 2.20
C ALA A 232 -3.60 -25.77 1.65
N ALA A 233 -3.06 -24.62 1.26
CA ALA A 233 -3.85 -23.48 0.79
C ALA A 233 -4.83 -23.83 -0.33
N VAL A 234 -4.51 -24.87 -1.12
CA VAL A 234 -5.44 -25.35 -2.15
C VAL A 234 -6.59 -26.10 -1.45
N ASN A 235 -6.25 -27.08 -0.62
CA ASN A 235 -7.24 -27.93 0.04
C ASN A 235 -8.22 -27.15 0.93
N LEU A 236 -7.75 -26.08 1.57
CA LEU A 236 -8.66 -25.21 2.33
C LEU A 236 -9.62 -24.44 1.43
N ALA A 237 -9.17 -24.15 0.20
CA ALA A 237 -10.01 -23.58 -0.85
C ALA A 237 -11.21 -24.48 -1.16
N LYS A 238 -11.06 -25.77 -0.88
CA LYS A 238 -12.16 -26.71 -1.03
C LYS A 238 -12.59 -27.27 0.32
N SER A 239 -13.73 -26.74 0.79
CA SER A 239 -14.37 -27.17 2.03
C SER A 239 -15.83 -26.74 2.03
N ARG A 240 -16.64 -27.34 2.91
CA ARG A 240 -17.99 -26.85 3.14
C ARG A 240 -17.83 -25.39 3.61
N TRP A 241 -16.76 -25.15 4.37
CA TRP A 241 -16.34 -23.84 4.84
C TRP A 241 -15.81 -23.10 3.60
N TYR A 242 -15.49 -21.82 3.71
CA TYR A 242 -14.91 -21.06 2.58
C TYR A 242 -16.00 -20.75 1.55
N ASN A 243 -16.74 -21.76 1.12
CA ASN A 243 -17.82 -21.55 0.16
C ASN A 243 -18.84 -20.60 0.77
N GLN A 244 -19.18 -20.82 2.04
CA GLN A 244 -20.11 -19.96 2.76
C GLN A 244 -19.57 -18.55 3.03
N THR A 245 -18.32 -18.45 3.47
CA THR A 245 -17.71 -17.17 3.82
C THR A 245 -16.33 -16.91 3.22
N PRO A 246 -16.23 -16.87 1.88
CA PRO A 246 -14.94 -16.79 1.18
C PRO A 246 -14.15 -15.52 1.49
N ASN A 247 -14.81 -14.37 1.53
CA ASN A 247 -14.18 -13.11 1.89
C ASN A 247 -13.35 -13.20 3.16
N ARG A 248 -13.90 -13.89 4.16
CA ARG A 248 -13.17 -14.14 5.40
C ARG A 248 -12.17 -15.29 5.23
N ALA A 249 -12.63 -16.37 4.62
CA ALA A 249 -11.82 -17.58 4.51
C ALA A 249 -10.49 -17.33 3.81
N LYS A 250 -10.53 -16.63 2.68
CA LYS A 250 -9.31 -16.31 1.94
C LYS A 250 -8.33 -15.47 2.76
N ARG A 251 -8.85 -14.81 3.79
CA ARG A 251 -8.05 -13.97 4.66
C ARG A 251 -7.22 -14.82 5.62
N VAL A 252 -7.77 -15.96 6.02
CA VAL A 252 -7.04 -16.92 6.84
C VAL A 252 -6.04 -17.73 6.02
N ILE A 253 -6.48 -18.23 4.87
CA ILE A 253 -5.64 -19.10 4.02
C ILE A 253 -4.27 -18.48 3.77
N THR A 254 -4.26 -17.18 3.48
CA THR A 254 -3.04 -16.42 3.26
C THR A 254 -2.30 -16.10 4.57
N THR A 255 -3.02 -16.13 5.69
CA THR A 255 -2.38 -15.99 6.99
C THR A 255 -1.68 -17.30 7.33
N PHE A 256 -2.17 -18.39 6.77
CA PHE A 256 -1.50 -19.68 6.91
C PHE A 256 -0.31 -19.73 5.96
N ARG A 257 -0.56 -19.40 4.70
CA ARG A 257 0.46 -19.47 3.65
C ARG A 257 1.66 -18.57 3.88
N THR A 258 1.41 -17.29 4.15
CA THR A 258 2.49 -16.32 4.24
C THR A 258 3.00 -16.02 5.66
N GLY A 259 2.40 -16.68 6.66
CA GLY A 259 2.79 -16.49 8.04
C GLY A 259 2.80 -15.04 8.54
N THR A 260 2.03 -14.17 7.90
CA THR A 260 2.00 -12.77 8.28
C THR A 260 0.59 -12.19 8.37
N TRP A 261 0.48 -10.93 8.79
CA TRP A 261 -0.82 -10.29 8.97
C TRP A 261 -1.30 -9.48 7.77
N ASP A 262 -0.53 -9.50 6.68
CA ASP A 262 -0.78 -8.66 5.50
C ASP A 262 -2.21 -8.62 4.95
N ALA A 263 -2.91 -9.76 4.99
CA ALA A 263 -4.32 -9.81 4.61
C ALA A 263 -5.27 -9.05 5.52
N TYR A 264 -4.88 -8.79 6.76
CA TYR A 264 -5.71 -7.96 7.64
C TYR A 264 -5.25 -6.51 7.69
N LYS A 265 -4.16 -6.20 6.97
CA LYS A 265 -3.73 -4.82 6.80
C LYS A 265 -4.10 -4.26 5.43
N ASN A 266 -4.83 -3.15 5.40
CA ASN A 266 -5.25 -2.52 4.15
C ASN A 266 -5.99 -3.44 3.18
N LEU A 267 -7.08 -4.05 3.65
CA LEU A 267 -7.94 -4.79 2.73
C LEU A 267 -9.04 -3.88 2.21
N GLY A 268 -8.62 -2.69 1.78
CA GLY A 268 -9.45 -1.76 1.05
C GLY A 268 -8.64 -1.19 -0.10
N ARG A 269 -7.32 -1.21 0.05
CA ARG A 269 -6.40 -0.99 -1.06
C ARG A 269 -6.09 -2.30 -1.79
N ASP A 270 -7.15 -2.96 -2.23
CA ASP A 270 -7.08 -4.01 -3.26
C ASP A 270 -6.76 -3.44 -4.65
N CYS A 271 -6.51 -2.13 -4.72
CA CYS A 271 -6.07 -1.50 -5.96
C CYS A 271 -4.55 -1.51 -6.17
N LEU A 272 -3.77 -1.62 -5.10
CA LEU A 272 -2.32 -1.48 -5.23
C LEU A 272 -1.56 -2.72 -4.79
N VAL A 273 -0.37 -2.89 -5.35
CA VAL A 273 0.54 -3.98 -4.99
C VAL A 273 0.92 -3.83 -3.51
N LEU A 274 1.21 -4.95 -2.85
CA LEU A 274 1.28 -4.96 -1.39
C LEU A 274 2.45 -4.19 -0.79
N ASN A 275 3.67 -4.41 -1.26
CA ASN A 275 4.81 -3.72 -0.66
C ASN A 275 5.87 -3.32 -1.71
N GLN A 276 5.47 -2.49 -2.66
CA GLN A 276 6.36 -2.05 -3.74
C GLN A 276 6.33 -0.54 -3.89
N GLY A 277 6.04 0.17 -2.81
CA GLY A 277 5.92 1.61 -2.86
C GLY A 277 7.21 2.27 -3.31
N TYR A 278 8.33 1.73 -2.86
CA TYR A 278 9.63 2.31 -3.18
C TYR A 278 9.85 2.28 -4.69
N LEU A 279 9.45 1.18 -5.32
CA LEU A 279 9.51 1.04 -6.77
C LEU A 279 8.59 2.02 -7.51
N SER A 280 7.38 2.23 -6.97
CA SER A 280 6.52 3.32 -7.43
C SER A 280 7.27 4.64 -7.44
N GLU A 281 7.87 4.98 -6.30
CA GLU A 281 8.58 6.24 -6.12
C GLU A 281 9.60 6.41 -7.24
N ALA A 282 10.43 5.39 -7.40
CA ALA A 282 11.50 5.38 -8.38
C ALA A 282 10.95 5.33 -9.80
N GLY A 283 9.93 4.50 -10.01
CA GLY A 283 9.26 4.41 -11.29
C GLY A 283 8.70 5.73 -11.77
N ALA A 284 8.01 6.46 -10.88
CA ALA A 284 7.48 7.77 -11.24
C ALA A 284 8.58 8.65 -11.84
N SER A 285 9.79 8.51 -11.32
CA SER A 285 10.90 9.36 -11.71
C SER A 285 11.44 8.90 -13.05
N LEU A 286 11.26 7.61 -13.31
CA LEU A 286 11.68 6.99 -14.56
C LEU A 286 10.82 7.56 -15.68
N VAL A 287 9.51 7.53 -15.45
CA VAL A 287 8.53 8.03 -16.39
C VAL A 287 8.80 9.49 -16.72
N ASP A 288 8.90 10.30 -15.66
CA ASP A 288 9.25 11.73 -15.78
C ASP A 288 10.45 11.93 -16.70
N GLN A 289 11.51 11.16 -16.46
CA GLN A 289 12.72 11.23 -17.27
C GLN A 289 12.45 11.05 -18.77
N LYS A 290 11.68 10.01 -19.11
CA LYS A 290 11.47 9.66 -20.50
C LYS A 290 10.55 10.68 -21.18
N LEU A 291 9.52 11.11 -20.46
CA LEU A 291 8.59 12.11 -20.99
C LEU A 291 9.22 13.49 -20.97
N GLU A 292 10.33 13.61 -20.25
CA GLU A 292 11.08 14.88 -20.14
C GLU A 292 10.24 15.94 -19.45
N LEU A 293 9.49 15.53 -18.43
CA LEU A 293 8.69 16.49 -17.66
C LEU A 293 9.59 17.28 -16.71
N ASN A 294 10.48 16.58 -16.02
CA ASN A 294 11.37 17.18 -15.04
C ASN A 294 10.64 17.94 -13.93
N ILE A 295 9.50 17.40 -13.48
CA ILE A 295 8.93 17.83 -12.22
C ILE A 295 9.26 16.88 -11.06
N VAL A 296 9.79 15.71 -11.38
CA VAL A 296 10.04 14.69 -10.36
C VAL A 296 11.51 14.63 -9.96
N PRO A 297 11.84 15.10 -8.74
CA PRO A 297 13.23 15.08 -8.28
C PRO A 297 13.79 13.66 -8.39
N ARG A 298 15.01 13.52 -8.88
CA ARG A 298 15.52 12.23 -9.32
C ARG A 298 15.44 11.16 -8.24
N THR A 299 14.79 10.05 -8.54
CA THR A 299 14.59 9.00 -7.56
C THR A 299 15.00 7.64 -8.13
N LYS A 300 15.86 6.92 -7.40
CA LYS A 300 16.29 5.60 -7.85
C LYS A 300 16.25 4.58 -6.72
N VAL A 301 16.38 3.30 -7.07
CA VAL A 301 16.55 2.24 -6.07
C VAL A 301 17.98 2.23 -5.53
N VAL A 302 18.11 2.45 -4.23
CA VAL A 302 19.42 2.57 -3.59
C VAL A 302 19.48 1.71 -2.33
N TYR A 303 20.64 1.13 -2.06
CA TYR A 303 20.85 0.36 -0.84
C TYR A 303 21.61 1.21 0.18
N LEU A 304 21.11 1.25 1.41
CA LEU A 304 21.79 1.95 2.49
C LEU A 304 21.80 1.18 3.81
N ALA A 305 22.84 1.40 4.60
CA ALA A 305 22.86 0.96 6.00
C ALA A 305 23.02 2.18 6.90
N SER A 306 22.12 2.31 7.87
CA SER A 306 22.23 3.36 8.88
C SER A 306 21.81 2.81 10.24
N GLU A 307 22.64 3.08 11.26
CA GLU A 307 22.33 2.68 12.62
C GLU A 307 20.94 3.14 13.07
N THR A 308 20.50 4.28 12.54
CA THR A 308 19.17 4.83 12.82
C THR A 308 17.98 4.07 12.25
N PHE A 309 18.22 3.12 11.36
CA PHE A 309 17.08 2.43 10.76
C PHE A 309 16.49 1.45 11.76
N ASN A 310 15.40 0.79 11.36
CA ASN A 310 14.75 -0.18 12.22
C ASN A 310 15.06 -1.60 11.75
N TYR A 311 15.90 -2.30 12.50
CA TYR A 311 16.35 -3.62 12.08
C TYR A 311 15.79 -4.70 12.99
N SER A 312 15.71 -5.92 12.47
CA SER A 312 15.36 -7.08 13.27
C SER A 312 16.36 -7.21 14.42
N ALA A 313 15.92 -7.83 15.52
CA ALA A 313 16.83 -8.10 16.63
C ALA A 313 17.98 -8.98 16.17
N ILE A 314 17.65 -9.99 15.36
CA ILE A 314 18.64 -10.89 14.79
C ILE A 314 19.80 -10.11 14.18
N ASP A 315 19.49 -9.33 13.14
CA ASP A 315 20.44 -8.48 12.44
C ASP A 315 21.30 -7.62 13.36
N ARG A 316 20.65 -6.96 14.31
CA ARG A 316 21.30 -6.11 15.31
C ARG A 316 22.45 -6.83 16.03
N VAL A 317 22.22 -8.09 16.37
CA VAL A 317 23.20 -8.86 17.11
C VAL A 317 24.44 -9.18 16.27
N LYS A 318 24.24 -9.61 15.02
CA LYS A 318 25.36 -10.00 14.17
C LYS A 318 26.29 -8.83 13.84
N SER A 319 25.79 -7.61 13.97
CA SER A 319 26.60 -6.42 13.71
C SER A 319 27.74 -6.28 14.72
N ARG A 320 27.59 -6.98 15.84
CA ARG A 320 28.52 -6.95 16.97
C ARG A 320 28.42 -5.63 17.73
N ILE A 339 31.67 -5.76 9.84
CA ILE A 339 30.61 -6.74 9.68
C ILE A 339 29.32 -6.16 10.29
N GLY A 340 29.00 -4.94 9.89
CA GLY A 340 27.91 -4.20 10.51
C GLY A 340 26.53 -4.57 9.99
N LEU A 341 25.59 -3.65 10.16
CA LEU A 341 24.25 -3.74 9.61
C LEU A 341 24.21 -3.99 8.11
N PRO A 342 23.27 -4.83 7.65
CA PRO A 342 23.10 -5.06 6.21
C PRO A 342 22.50 -3.82 5.56
N PRO A 343 22.75 -3.62 4.26
CA PRO A 343 22.03 -2.56 3.53
C PRO A 343 20.55 -2.89 3.31
N LYS A 344 19.71 -1.88 3.50
CA LYS A 344 18.29 -1.99 3.20
C LYS A 344 17.98 -1.45 1.81
N VAL A 345 17.02 -2.06 1.12
CA VAL A 345 16.63 -1.60 -0.21
C VAL A 345 15.51 -0.58 -0.07
N GLY A 346 15.63 0.54 -0.79
CA GLY A 346 14.67 1.62 -0.65
C GLY A 346 14.64 2.58 -1.82
N SER A 347 13.73 3.55 -1.75
CA SER A 347 13.67 4.62 -2.72
C SER A 347 14.54 5.78 -2.24
N PHE A 348 15.32 6.35 -3.15
CA PHE A 348 16.22 7.44 -2.79
C PHE A 348 15.90 8.64 -3.65
N GLN A 349 15.31 9.66 -3.02
CA GLN A 349 14.83 10.83 -3.75
C GLN A 349 15.60 12.09 -3.36
N LEU A 350 16.17 12.77 -4.35
CA LEU A 350 16.93 13.99 -4.11
C LEU A 350 16.09 15.03 -3.37
N PHE A 351 16.73 15.81 -2.51
CA PHE A 351 16.03 16.83 -1.75
C PHE A 351 16.13 18.17 -2.47
N VAL A 352 15.01 18.87 -2.56
CA VAL A 352 14.98 20.14 -3.26
C VAL A 352 14.58 21.27 -2.29
N GLU A 353 15.20 22.43 -2.47
CA GLU A 353 14.98 23.56 -1.57
C GLU A 353 14.24 24.71 -2.24
N GLY A 354 13.46 25.43 -1.45
CA GLY A 354 12.81 26.64 -1.91
C GLY A 354 11.35 26.41 -2.24
N TYR A 355 10.86 25.21 -1.92
CA TYR A 355 9.51 24.82 -2.29
C TYR A 355 8.60 24.83 -1.07
N LYS A 356 7.33 25.17 -1.28
CA LYS A 356 6.33 24.99 -0.24
C LYS A 356 5.21 24.10 -0.78
N ASP A 357 4.23 23.78 0.06
CA ASP A 357 3.10 22.97 -0.36
C ASP A 357 2.30 23.73 -1.42
N ALA A 358 1.84 23.01 -2.44
CA ALA A 358 0.99 23.61 -3.48
C ALA A 358 -0.13 24.47 -2.90
N ASP A 359 -0.80 23.93 -1.88
CA ASP A 359 -1.89 24.61 -1.17
C ASP A 359 -1.47 26.00 -0.71
N TYR A 360 -0.31 26.08 -0.06
CA TYR A 360 0.28 27.34 0.41
C TYR A 360 0.32 28.44 -0.65
N TRP A 361 0.84 28.14 -1.83
CA TRP A 361 1.00 29.18 -2.85
C TRP A 361 -0.32 29.56 -3.51
N LEU A 362 -1.17 28.59 -3.83
CA LEU A 362 -2.41 28.86 -4.56
C LEU A 362 -3.31 29.76 -3.71
N ARG A 363 -3.26 29.56 -2.40
CA ARG A 363 -3.95 30.42 -1.44
C ARG A 363 -3.55 31.88 -1.62
N ARG A 364 -2.24 32.13 -1.74
CA ARG A 364 -1.72 33.46 -1.96
C ARG A 364 -2.06 33.96 -3.37
N PHE A 365 -2.00 33.07 -4.35
CA PHE A 365 -2.24 33.44 -5.74
C PHE A 365 -3.70 33.79 -5.96
N GLU A 366 -4.57 33.29 -5.09
CA GLU A 366 -5.99 33.58 -5.19
C GLU A 366 -6.30 35.00 -4.72
N ALA A 367 -5.63 35.42 -3.64
CA ALA A 367 -5.81 36.76 -3.11
C ALA A 367 -5.08 37.81 -3.97
N GLU A 368 -3.83 37.51 -4.34
CA GLU A 368 -3.08 38.38 -5.24
C GLU A 368 -2.68 37.64 -6.52
N PRO A 369 -3.59 37.65 -7.52
CA PRO A 369 -3.39 36.88 -8.76
C PRO A 369 -2.09 37.21 -9.49
N LEU A 370 -1.42 36.17 -9.96
CA LEU A 370 -0.19 36.32 -10.73
C LEU A 370 -0.43 37.08 -12.03
N PRO A 371 0.58 37.82 -12.50
CA PRO A 371 0.48 38.41 -13.84
C PRO A 371 0.33 37.31 -14.89
N GLU A 372 -0.32 37.60 -16.01
CA GLU A 372 -0.69 36.57 -16.99
C GLU A 372 0.51 35.68 -17.34
N ASN A 373 1.64 36.31 -17.59
CA ASN A 373 2.84 35.60 -18.06
C ASN A 373 3.41 34.69 -16.99
N THR A 374 3.41 35.15 -15.74
CA THR A 374 3.84 34.30 -14.64
C THR A 374 2.82 33.19 -14.44
N ASN A 375 1.55 33.57 -14.38
CA ASN A 375 0.48 32.62 -14.15
C ASN A 375 0.46 31.52 -15.21
N ARG A 376 0.94 31.86 -16.41
CA ARG A 376 0.99 30.91 -17.51
C ARG A 376 2.13 29.90 -17.32
N GLN A 377 3.11 30.25 -16.49
CA GLN A 377 4.20 29.34 -16.22
C GLN A 377 3.71 28.28 -15.25
N LEU A 378 2.81 28.69 -14.36
CA LEU A 378 2.19 27.76 -13.43
C LEU A 378 1.42 26.72 -14.21
N LEU A 379 0.47 27.18 -15.02
CA LEU A 379 -0.37 26.33 -15.84
C LEU A 379 0.39 25.28 -16.65
N LEU A 380 1.50 25.68 -17.26
CA LEU A 380 2.34 24.72 -18.00
C LEU A 380 2.98 23.69 -17.10
N GLN A 381 3.33 24.09 -15.87
CA GLN A 381 3.87 23.16 -14.90
C GLN A 381 2.78 22.20 -14.44
N PHE A 382 1.56 22.73 -14.32
CA PHE A 382 0.42 21.96 -13.85
C PHE A 382 0.07 20.82 -14.79
N GLU A 383 0.09 21.10 -16.09
CA GLU A 383 -0.20 20.10 -17.12
C GLU A 383 0.75 18.91 -17.03
N ARG A 384 2.04 19.18 -16.85
CA ARG A 384 3.03 18.11 -16.67
C ARG A 384 2.65 17.20 -15.51
N LEU A 385 2.22 17.81 -14.40
CA LEU A 385 1.71 17.06 -13.26
C LEU A 385 0.52 16.18 -13.63
N VAL A 386 -0.46 16.79 -14.29
CA VAL A 386 -1.65 16.08 -14.77
C VAL A 386 -1.27 14.93 -15.69
N VAL A 387 -0.27 15.13 -16.52
CA VAL A 387 0.17 14.11 -17.47
C VAL A 387 0.81 12.96 -16.70
N LEU A 388 1.68 13.33 -15.77
CA LEU A 388 2.34 12.36 -14.90
C LEU A 388 1.34 11.49 -14.16
N ASP A 389 0.61 12.10 -13.23
CA ASP A 389 -0.37 11.40 -12.41
C ASP A 389 -1.31 10.50 -13.21
N TYR A 390 -1.83 11.00 -14.33
CA TYR A 390 -2.71 10.18 -15.17
C TYR A 390 -2.00 8.96 -15.74
N ILE A 391 -0.78 9.16 -16.23
CA ILE A 391 -0.01 8.08 -16.84
C ILE A 391 0.33 6.98 -15.84
N ILE A 392 0.79 7.37 -14.66
CA ILE A 392 1.21 6.40 -13.66
C ILE A 392 0.00 6.03 -12.81
N ARG A 393 -1.12 6.67 -13.12
CA ARG A 393 -2.40 6.49 -12.44
C ARG A 393 -2.24 6.64 -10.91
N ASN A 394 -1.76 7.81 -10.48
CA ASN A 394 -1.58 8.05 -9.05
C ASN A 394 -2.94 7.89 -8.36
N THR A 395 -2.96 7.14 -7.26
CA THR A 395 -4.15 7.05 -6.43
C THR A 395 -4.19 8.01 -5.24
N ASP A 396 -3.06 8.60 -4.89
CA ASP A 396 -3.07 9.60 -3.84
C ASP A 396 -2.25 10.81 -4.26
N ARG A 397 -2.95 11.88 -4.66
CA ARG A 397 -2.33 13.17 -4.90
C ARG A 397 -3.21 14.26 -4.32
N GLY A 398 -2.72 14.90 -3.27
CA GLY A 398 -3.39 16.06 -2.71
C GLY A 398 -2.58 17.32 -2.91
N ASN A 399 -3.00 18.41 -2.28
CA ASN A 399 -2.30 19.67 -2.40
C ASN A 399 -1.10 19.73 -1.46
N ASP A 400 -0.91 18.67 -0.69
CA ASP A 400 0.29 18.50 0.12
C ASP A 400 1.33 17.61 -0.56
N ASN A 401 0.92 16.96 -1.65
CA ASN A 401 1.75 15.94 -2.29
C ASN A 401 2.59 16.47 -3.46
N TRP A 402 2.35 17.72 -3.85
CA TRP A 402 3.23 18.39 -4.80
C TRP A 402 3.56 19.80 -4.36
N LEU A 403 4.71 20.30 -4.82
CA LEU A 403 5.28 21.54 -4.30
C LEU A 403 5.49 22.58 -5.40
N ILE A 404 5.33 23.85 -5.03
CA ILE A 404 5.58 24.97 -5.93
C ILE A 404 6.70 25.86 -5.41
N LYS A 405 7.54 26.36 -6.32
CA LYS A 405 8.51 27.39 -5.99
C LYS A 405 8.26 28.67 -6.77
N TYR A 406 8.16 29.79 -6.04
CA TYR A 406 7.84 31.07 -6.65
C TYR A 406 8.90 32.12 -6.29
N ASP A 407 9.65 32.57 -7.30
CA ASP A 407 10.71 33.54 -7.08
C ASP A 407 10.18 34.97 -7.23
N ASP A 419 17.29 37.56 -27.11
CA ASP A 419 18.41 37.72 -28.03
C ASP A 419 19.72 37.19 -27.44
N TRP A 420 19.64 35.98 -26.89
CA TRP A 420 20.68 35.46 -26.00
C TRP A 420 20.94 33.99 -26.30
N VAL A 421 22.09 33.49 -25.86
CA VAL A 421 22.45 32.10 -26.09
C VAL A 421 21.80 31.21 -25.03
N VAL A 422 21.14 31.84 -24.06
CA VAL A 422 20.65 31.13 -22.87
C VAL A 422 19.19 31.49 -22.53
N VAL A 423 18.46 30.50 -22.05
CA VAL A 423 17.05 30.65 -21.67
C VAL A 423 16.86 31.26 -20.27
N LYS A 424 16.12 32.36 -20.20
CA LYS A 424 15.79 33.00 -18.92
C LYS A 424 15.17 31.99 -17.95
N GLU A 425 15.60 32.04 -16.68
CA GLU A 425 15.08 31.14 -15.65
C GLU A 425 13.57 31.22 -15.54
N PRO A 426 12.93 30.10 -15.20
CA PRO A 426 11.50 30.20 -14.93
C PRO A 426 11.25 30.80 -13.55
N VAL A 427 10.22 31.63 -13.43
CA VAL A 427 9.83 32.17 -12.12
C VAL A 427 9.19 31.09 -11.25
N ILE A 428 8.28 30.31 -11.84
CA ILE A 428 7.57 29.26 -11.10
C ILE A 428 7.97 27.85 -11.57
N LYS A 429 8.00 26.91 -10.63
CA LYS A 429 8.47 25.56 -10.93
C LYS A 429 7.76 24.57 -10.00
N VAL A 430 7.45 23.38 -10.52
CA VAL A 430 6.63 22.41 -9.79
C VAL A 430 7.42 21.14 -9.48
N ALA A 431 7.51 20.76 -8.20
CA ALA A 431 8.09 19.48 -7.84
C ALA A 431 7.02 18.47 -7.38
N ALA A 432 7.07 17.27 -7.94
CA ALA A 432 6.11 16.21 -7.60
C ALA A 432 6.74 15.17 -6.67
N ILE A 433 6.37 15.20 -5.39
CA ILE A 433 6.93 14.25 -4.44
C ILE A 433 5.95 13.13 -4.08
N ASP A 434 6.37 12.23 -3.20
CA ASP A 434 5.49 11.25 -2.55
C ASP A 434 4.67 10.43 -3.55
N ASN A 435 5.36 9.78 -4.47
CA ASN A 435 4.71 9.06 -5.57
C ASN A 435 4.54 7.55 -5.36
N GLY A 436 4.86 7.05 -4.17
CA GLY A 436 4.84 5.63 -3.90
C GLY A 436 3.49 4.92 -3.88
N LEU A 437 2.40 5.68 -3.99
CA LEU A 437 1.05 5.13 -4.03
C LEU A 437 0.46 5.00 -5.44
N ALA A 438 1.30 5.09 -6.47
CA ALA A 438 0.83 4.90 -7.84
C ALA A 438 1.06 3.50 -8.41
N PHE A 439 0.84 3.37 -9.72
CA PHE A 439 0.98 2.10 -10.44
C PHE A 439 0.05 0.97 -9.98
N PRO A 440 -1.27 1.23 -9.96
CA PRO A 440 -2.21 0.23 -9.43
C PRO A 440 -2.35 -1.00 -10.33
N LEU A 441 -2.74 -2.12 -9.72
CA LEU A 441 -2.99 -3.36 -10.45
C LEU A 441 -4.23 -3.26 -11.33
N LYS A 442 -5.01 -2.20 -11.10
CA LYS A 442 -6.33 -2.02 -11.72
C LYS A 442 -7.00 -0.74 -11.24
N HIS A 443 -8.04 -0.30 -11.95
CA HIS A 443 -8.79 0.90 -11.58
C HIS A 443 -9.60 0.73 -10.31
N PRO A 444 -9.59 1.76 -9.45
CA PRO A 444 -10.37 1.79 -8.21
C PRO A 444 -11.85 1.53 -8.48
N ASP A 445 -12.49 0.79 -7.58
CA ASP A 445 -13.89 0.41 -7.75
C ASP A 445 -14.81 1.63 -7.76
N SER A 446 -14.57 2.56 -6.85
CA SER A 446 -15.29 3.83 -6.83
C SER A 446 -14.33 4.99 -7.04
N TRP A 447 -14.40 5.63 -8.20
CA TRP A 447 -13.48 6.70 -8.56
C TRP A 447 -13.51 7.86 -7.56
N ARG A 448 -14.63 8.02 -6.87
CA ARG A 448 -14.78 9.05 -5.85
C ARG A 448 -13.88 8.82 -4.64
N ALA A 449 -13.64 7.55 -4.32
CA ALA A 449 -12.75 7.21 -3.21
C ALA A 449 -11.30 7.52 -3.54
N TYR A 450 -10.89 7.19 -4.75
CA TYR A 450 -9.51 7.43 -5.18
C TYR A 450 -9.47 8.27 -6.46
N PRO A 451 -9.85 9.55 -6.35
CA PRO A 451 -9.95 10.41 -7.53
C PRO A 451 -8.62 11.05 -7.90
N PHE A 452 -8.66 11.95 -8.88
CA PHE A 452 -7.58 12.89 -9.11
C PHE A 452 -8.01 14.22 -8.51
N TYR A 453 -7.41 14.60 -7.39
CA TYR A 453 -7.89 15.77 -6.65
C TYR A 453 -7.80 17.05 -7.48
N TRP A 454 -6.69 17.23 -8.19
CA TRP A 454 -6.46 18.46 -8.94
C TRP A 454 -7.53 18.74 -10.01
N ALA A 455 -8.35 17.73 -10.30
CA ALA A 455 -9.46 17.86 -11.25
C ALA A 455 -10.47 18.91 -10.81
N TRP A 456 -10.59 19.10 -9.50
CA TRP A 456 -11.53 20.07 -8.96
C TRP A 456 -10.92 21.46 -8.81
N LEU A 457 -9.65 21.58 -9.20
CA LEU A 457 -9.01 22.89 -9.22
C LEU A 457 -9.42 23.60 -10.51
N PRO A 458 -9.45 24.94 -10.49
CA PRO A 458 -9.88 25.67 -11.68
C PRO A 458 -8.92 25.51 -12.86
N GLN A 459 -7.63 25.30 -12.57
CA GLN A 459 -6.63 25.15 -13.61
C GLN A 459 -6.88 23.95 -14.52
N ALA A 460 -7.58 22.95 -13.99
CA ALA A 460 -7.88 21.75 -14.77
C ALA A 460 -8.93 22.00 -15.84
N LYS A 461 -9.60 23.15 -15.77
CA LYS A 461 -10.63 23.50 -16.74
C LYS A 461 -10.02 24.04 -18.03
N VAL A 462 -8.78 24.50 -17.95
CA VAL A 462 -8.14 25.18 -19.08
C VAL A 462 -7.57 24.15 -20.06
N PRO A 463 -7.90 24.31 -21.36
CA PRO A 463 -7.50 23.33 -22.38
C PRO A 463 -5.99 23.16 -22.49
N PHE A 464 -5.56 21.92 -22.74
CA PHE A 464 -4.14 21.60 -22.88
C PHE A 464 -3.43 22.52 -23.87
N SER A 465 -2.29 23.07 -23.45
CA SER A 465 -1.51 23.96 -24.30
C SER A 465 -0.85 23.20 -25.45
N GLN A 466 -0.68 23.87 -26.58
CA GLN A 466 0.05 23.27 -27.71
C GLN A 466 1.46 22.84 -27.32
N GLU A 467 2.08 23.60 -26.43
CA GLU A 467 3.43 23.32 -25.96
C GLU A 467 3.60 21.92 -25.37
N ILE A 468 2.62 21.46 -24.60
CA ILE A 468 2.71 20.17 -23.94
C ILE A 468 2.48 19.08 -25.00
N LYS A 469 1.56 19.36 -25.92
CA LYS A 469 1.21 18.43 -26.98
C LYS A 469 2.41 18.13 -27.86
N ASP A 470 3.21 19.16 -28.10
CA ASP A 470 4.41 19.04 -28.92
C ASP A 470 5.49 18.20 -28.24
N LEU A 471 5.61 18.36 -26.92
CA LEU A 471 6.49 17.52 -26.12
C LEU A 471 6.06 16.05 -25.99
N ILE A 472 4.78 15.80 -25.72
CA ILE A 472 4.36 14.48 -25.27
C ILE A 472 3.70 13.60 -26.35
N LEU A 473 3.00 14.22 -27.29
CA LEU A 473 2.29 13.43 -28.30
C LEU A 473 3.22 12.63 -29.22
N PRO A 474 4.36 13.21 -29.65
CA PRO A 474 5.24 12.42 -30.52
C PRO A 474 5.77 11.15 -29.83
N LYS A 475 5.97 11.23 -28.52
CA LYS A 475 6.41 10.08 -27.74
C LYS A 475 5.33 9.03 -27.55
N ILE A 476 4.18 9.43 -27.04
CA ILE A 476 3.14 8.48 -26.64
C ILE A 476 2.30 7.98 -27.81
N SER A 477 2.43 8.63 -28.96
CA SER A 477 1.89 8.10 -30.20
C SER A 477 2.81 7.08 -30.86
N ASP A 478 4.07 7.05 -30.43
CA ASP A 478 5.04 6.08 -30.94
C ASP A 478 5.07 4.83 -30.07
N PRO A 479 4.52 3.72 -30.59
CA PRO A 479 4.44 2.44 -29.87
C PRO A 479 5.81 1.92 -29.41
N ASN A 480 6.86 2.21 -30.16
CA ASN A 480 8.22 1.84 -29.77
C ASN A 480 8.74 2.63 -28.58
N PHE A 481 8.12 3.77 -28.31
CA PHE A 481 8.45 4.56 -27.12
C PHE A 481 7.79 3.89 -25.92
N VAL A 482 6.51 3.59 -26.07
CA VAL A 482 5.71 2.97 -25.02
C VAL A 482 6.23 1.57 -24.70
N LYS A 483 6.67 0.85 -25.73
CA LYS A 483 7.32 -0.45 -25.53
C LYS A 483 8.58 -0.28 -24.71
N ASP A 484 9.46 0.63 -25.14
CA ASP A 484 10.72 0.87 -24.44
C ASP A 484 10.44 1.28 -23.00
N LEU A 485 9.42 2.13 -22.83
CA LEU A 485 9.01 2.60 -21.51
C LEU A 485 8.57 1.43 -20.63
N GLU A 486 7.88 0.47 -21.22
CA GLU A 486 7.42 -0.69 -20.49
C GLU A 486 8.58 -1.62 -20.14
N GLU A 487 9.60 -1.66 -20.99
CA GLU A 487 10.76 -2.51 -20.74
C GLU A 487 11.58 -1.97 -19.57
N ASP A 488 11.66 -0.64 -19.50
CA ASP A 488 12.42 0.05 -18.45
C ASP A 488 11.77 -0.18 -17.09
N LEU A 489 10.44 -0.06 -17.04
CA LEU A 489 9.68 -0.35 -15.84
C LEU A 489 9.86 -1.81 -15.42
N TYR A 490 9.89 -2.71 -16.40
CA TYR A 490 10.08 -4.13 -16.13
C TYR A 490 11.44 -4.37 -15.47
N GLU A 491 12.46 -3.73 -16.00
CA GLU A 491 13.83 -3.89 -15.50
C GLU A 491 13.95 -3.34 -14.08
N LEU A 492 13.09 -2.39 -13.73
CA LEU A 492 13.05 -1.84 -12.38
C LEU A 492 12.31 -2.75 -11.42
N PHE A 493 11.12 -3.19 -11.82
CA PHE A 493 10.22 -3.91 -10.94
C PHE A 493 10.67 -5.35 -10.69
N LYS A 494 11.24 -5.97 -11.70
CA LYS A 494 11.67 -7.37 -11.61
C LYS A 494 12.76 -7.61 -10.56
N LYS A 495 13.47 -6.55 -10.19
CA LYS A 495 14.54 -6.70 -9.19
C LYS A 495 13.97 -7.01 -7.81
N ASP A 496 12.68 -6.72 -7.61
CA ASP A 496 12.02 -7.01 -6.35
C ASP A 496 11.84 -8.51 -6.20
N PRO A 497 12.23 -9.08 -5.06
CA PRO A 497 12.07 -10.51 -4.76
C PRO A 497 10.63 -11.02 -4.94
N GLY A 498 9.66 -10.21 -4.52
CA GLY A 498 8.25 -10.54 -4.65
C GLY A 498 7.60 -10.19 -5.97
N PHE A 499 8.42 -9.94 -7.00
CA PHE A 499 7.89 -9.63 -8.33
C PHE A 499 7.05 -10.77 -8.90
N ASP A 500 5.97 -10.40 -9.58
CA ASP A 500 5.11 -11.37 -10.25
C ASP A 500 4.75 -10.91 -11.66
N ARG A 501 5.18 -11.69 -12.65
CA ARG A 501 4.95 -11.37 -14.06
C ARG A 501 3.49 -11.07 -14.39
N GLY A 502 2.58 -11.76 -13.72
CA GLY A 502 1.16 -11.60 -13.98
C GLY A 502 0.67 -10.28 -13.40
N GLN A 503 1.14 -9.97 -12.19
CA GLN A 503 0.83 -8.70 -11.55
C GLN A 503 1.32 -7.55 -12.42
N PHE A 504 2.51 -7.70 -12.97
CA PHE A 504 3.13 -6.69 -13.82
C PHE A 504 2.25 -6.34 -15.02
N HIS A 505 1.76 -7.38 -15.69
CA HIS A 505 0.97 -7.20 -16.91
C HIS A 505 -0.26 -6.34 -16.66
N LYS A 506 -0.91 -6.56 -15.51
CA LYS A 506 -2.06 -5.74 -15.14
C LYS A 506 -1.67 -4.28 -14.93
N GLN A 507 -0.51 -4.06 -14.33
CA GLN A 507 0.00 -2.70 -14.11
C GLN A 507 0.19 -1.99 -15.45
N ILE A 508 0.93 -2.63 -16.34
CA ILE A 508 1.11 -2.18 -17.71
C ILE A 508 -0.21 -1.95 -18.42
N ALA A 509 -1.18 -2.82 -18.16
CA ALA A 509 -2.49 -2.73 -18.79
C ALA A 509 -3.19 -1.41 -18.45
N VAL A 510 -3.33 -1.11 -17.16
CA VAL A 510 -3.83 0.20 -16.74
C VAL A 510 -3.07 1.32 -17.43
N MET A 511 -1.74 1.24 -17.38
CA MET A 511 -0.88 2.30 -17.89
C MET A 511 -1.06 2.49 -19.39
N ARG A 512 -1.21 1.37 -20.09
CA ARG A 512 -1.44 1.37 -21.53
C ARG A 512 -2.80 1.96 -21.86
N GLY A 513 -3.75 1.77 -20.94
CA GLY A 513 -5.08 2.34 -21.06
C GLY A 513 -5.14 3.83 -20.76
N GLN A 514 -4.37 4.25 -19.76
CA GLN A 514 -4.20 5.67 -19.46
C GLN A 514 -3.56 6.46 -20.60
N ILE A 515 -2.47 5.95 -21.16
CA ILE A 515 -1.86 6.54 -22.35
C ILE A 515 -2.87 6.64 -23.48
N LEU A 516 -3.66 5.58 -23.65
CA LEU A 516 -4.67 5.51 -24.70
C LEU A 516 -5.62 6.70 -24.58
N ASN A 517 -6.11 6.91 -23.36
CA ASN A 517 -6.99 8.03 -23.05
C ASN A 517 -6.31 9.39 -23.25
N LEU A 518 -5.08 9.50 -22.77
CA LEU A 518 -4.34 10.76 -22.81
C LEU A 518 -4.04 11.20 -24.25
N THR A 519 -3.62 10.25 -25.07
CA THR A 519 -3.38 10.49 -26.49
C THR A 519 -4.55 11.21 -27.17
N GLN A 520 -5.76 10.69 -26.99
CA GLN A 520 -6.92 11.24 -27.68
C GLN A 520 -7.37 12.55 -27.04
N ALA A 521 -7.14 12.67 -25.74
CA ALA A 521 -7.40 13.91 -25.02
C ALA A 521 -6.56 15.06 -25.58
N LEU A 522 -5.27 14.78 -25.79
CA LEU A 522 -4.35 15.77 -26.35
C LEU A 522 -4.68 16.16 -27.79
N LYS A 523 -5.03 15.19 -28.62
CA LYS A 523 -5.41 15.45 -30.00
C LYS A 523 -6.66 16.31 -30.14
N ASP A 524 -7.59 16.15 -29.22
CA ASP A 524 -8.86 16.88 -29.27
C ASP A 524 -8.76 18.22 -28.53
N ASN A 525 -7.59 18.47 -27.95
CA ASN A 525 -7.34 19.67 -27.15
C ASN A 525 -8.32 19.78 -25.99
N LYS A 526 -8.63 18.65 -25.37
CA LYS A 526 -9.50 18.61 -24.20
C LYS A 526 -8.77 19.17 -22.99
N SER A 527 -9.52 19.64 -22.01
CA SER A 527 -8.94 20.05 -20.73
C SER A 527 -8.55 18.83 -19.90
N PRO A 528 -7.82 19.06 -18.79
CA PRO A 528 -7.53 18.00 -17.82
C PRO A 528 -8.79 17.44 -17.17
N LEU A 529 -9.76 18.30 -16.89
CA LEU A 529 -11.00 17.87 -16.24
C LEU A 529 -11.78 16.92 -17.14
N HIS A 530 -11.89 17.28 -18.41
CA HIS A 530 -12.58 16.43 -19.39
C HIS A 530 -11.83 15.11 -19.62
N LEU A 531 -10.52 15.13 -19.41
CA LEU A 531 -9.71 13.92 -19.50
C LEU A 531 -10.07 12.85 -18.46
N VAL A 532 -10.27 13.25 -17.21
CA VAL A 532 -10.55 12.29 -16.16
C VAL A 532 -12.00 11.79 -16.22
N GLN A 533 -12.86 12.57 -16.86
CA GLN A 533 -14.24 12.15 -17.08
C GLN A 533 -14.34 11.03 -18.13
N MET A 534 -13.33 10.92 -18.98
CA MET A 534 -13.21 9.79 -19.90
C MET A 534 -13.26 8.48 -19.12
N PRO A 535 -14.14 7.55 -19.52
CA PRO A 535 -14.23 6.26 -18.84
C PRO A 535 -12.87 5.54 -18.84
N PRO A 536 -12.38 5.17 -17.64
CA PRO A 536 -11.14 4.39 -17.49
C PRO A 536 -11.14 3.09 -18.27
N VAL A 537 -10.00 2.77 -18.89
CA VAL A 537 -9.88 1.53 -19.65
C VAL A 537 -8.62 0.77 -19.25
N ILE A 538 -8.53 -0.49 -19.66
CA ILE A 538 -7.28 -1.24 -19.57
C ILE A 538 -6.97 -1.90 -20.92
N VAL A 539 -5.69 -1.96 -21.27
CA VAL A 539 -5.27 -2.68 -22.47
C VAL A 539 -4.58 -3.99 -22.11
N GLU A 540 -5.27 -5.10 -22.32
CA GLU A 540 -4.84 -6.39 -21.79
C GLU A 540 -4.29 -7.29 -22.89
N THR A 541 -3.16 -7.93 -22.62
CA THR A 541 -2.58 -8.88 -23.56
C THR A 541 -3.22 -10.26 -23.36
N ALA A 542 -3.56 -10.92 -24.47
CA ALA A 542 -4.28 -12.19 -24.41
C ALA A 542 -3.37 -13.38 -24.09
N ARG A 543 -2.20 -13.42 -24.73
CA ARG A 543 -1.26 -14.53 -24.61
C ARG A 543 -1.88 -15.84 -25.10
#